data_5U2U
#
_entry.id   5U2U
#
_cell.length_a   148.587
_cell.length_b   66.255
_cell.length_c   74.577
_cell.angle_alpha   90.00
_cell.angle_beta   107.37
_cell.angle_gamma   90.00
#
_symmetry.space_group_name_H-M   'C 1 2 1'
#
loop_
_entity.id
_entity.type
_entity.pdbx_description
1 polymer 'Heat shock protein 104'
2 water water
#
_entity_poly.entity_id   1
_entity_poly.type   'polypeptide(L)'
_entity_poly.pdbx_seq_one_letter_code
;MNDQTQFTERALTILTLAQKLASDHQHPQLQPIHILAAFIETPEDGSVPYLQNLIEKGRYDYDLFKKVVNRNLVRIPQQQ
PAPAEITPSYALGKVLQDAAKIQKQQKDSFIAQDHILFALFNDSSIQQIFKEAQVDIEAIKQQALELRGNTRIDSRGADT
NTPLEY
;
_entity_poly.pdbx_strand_id   A,B,C
#
# COMPACT_ATOMS: atom_id res chain seq x y z
N GLN A 6 -27.71 -4.12 -12.81
CA GLN A 6 -28.77 -3.97 -11.82
C GLN A 6 -28.43 -2.97 -10.71
N PHE A 7 -27.15 -2.65 -10.51
CA PHE A 7 -26.79 -1.60 -9.55
C PHE A 7 -26.62 -0.25 -10.25
N THR A 8 -26.94 0.82 -9.51
CA THR A 8 -26.66 2.18 -9.98
C THR A 8 -25.17 2.43 -9.96
N GLU A 9 -24.72 3.46 -10.65
CA GLU A 9 -23.31 3.80 -10.65
C GLU A 9 -22.80 4.07 -9.24
N ARG A 10 -23.51 4.90 -8.50
CA ARG A 10 -23.10 5.25 -7.14
C ARG A 10 -23.13 4.04 -6.20
N ALA A 11 -24.14 3.17 -6.34
CA ALA A 11 -24.19 1.95 -5.55
C ALA A 11 -22.96 1.11 -5.81
N LEU A 12 -22.55 1.10 -7.06
CA LEU A 12 -21.43 0.29 -7.46
C LEU A 12 -20.16 0.85 -6.86
N THR A 13 -20.04 2.18 -6.89
CA THR A 13 -18.88 2.86 -6.35
C THR A 13 -18.70 2.48 -4.88
N ILE A 14 -19.83 2.46 -4.15
CA ILE A 14 -19.80 2.16 -2.74
C ILE A 14 -19.33 0.72 -2.48
N LEU A 15 -19.86 -0.23 -3.25
CA LEU A 15 -19.43 -1.63 -3.09
C LEU A 15 -17.96 -1.80 -3.45
N THR A 16 -17.49 -1.07 -4.46
CA THR A 16 -16.08 -1.17 -4.83
C THR A 16 -15.21 -0.59 -3.74
N LEU A 17 -15.66 0.56 -3.26
CA LEU A 17 -14.99 1.26 -2.16
C LEU A 17 -14.96 0.40 -0.91
N ALA A 18 -16.05 -0.33 -0.68
CA ALA A 18 -16.15 -1.26 0.43
C ALA A 18 -15.08 -2.33 0.34
N GLN A 19 -14.89 -2.89 -0.87
CA GLN A 19 -13.84 -3.88 -1.11
C GLN A 19 -12.45 -3.32 -0.92
N LYS A 20 -12.22 -2.10 -1.42
CA LYS A 20 -10.91 -1.50 -1.24
C LYS A 20 -10.60 -1.32 0.24
N LEU A 21 -11.61 -0.87 1.00
CA LEU A 21 -11.45 -0.66 2.44
C LEU A 21 -11.07 -1.93 3.17
N ALA A 22 -11.70 -3.05 2.81
CA ALA A 22 -11.37 -4.32 3.47
C ALA A 22 -9.92 -4.69 3.15
N SER A 23 -9.57 -4.54 1.88
CA SER A 23 -8.25 -4.87 1.37
C SER A 23 -7.18 -4.00 2.02
N ASP A 24 -7.38 -2.68 1.97
CA ASP A 24 -6.43 -1.75 2.55
C ASP A 24 -6.15 -2.01 4.04
N HIS A 25 -6.99 -2.80 4.71
CA HIS A 25 -6.80 -3.04 6.13
C HIS A 25 -6.52 -4.49 6.45
N GLN A 26 -6.34 -5.29 5.40
CA GLN A 26 -6.11 -6.75 5.49
C GLN A 26 -7.20 -7.45 6.26
N HIS A 27 -8.44 -7.10 5.95
CA HIS A 27 -9.57 -7.82 6.52
C HIS A 27 -9.88 -9.02 5.66
N PRO A 28 -10.10 -10.17 6.31
CA PRO A 28 -10.37 -11.42 5.59
C PRO A 28 -11.67 -11.43 4.82
N GLN A 29 -12.73 -10.97 5.47
CA GLN A 29 -14.04 -10.97 4.84
C GLN A 29 -14.65 -9.60 4.68
N LEU A 30 -15.41 -9.43 3.61
CA LEU A 30 -16.19 -8.22 3.40
C LEU A 30 -17.49 -8.29 4.24
N GLN A 31 -17.77 -7.22 4.98
CA GLN A 31 -18.86 -7.26 5.96
C GLN A 31 -19.67 -5.96 5.88
N PRO A 32 -20.86 -5.92 6.52
CA PRO A 32 -21.69 -4.71 6.42
C PRO A 32 -20.99 -3.40 6.83
N ILE A 33 -20.12 -3.50 7.82
CA ILE A 33 -19.39 -2.33 8.30
C ILE A 33 -18.59 -1.70 7.16
N HIS A 34 -18.06 -2.54 6.26
CA HIS A 34 -17.32 -2.03 5.11
C HIS A 34 -18.20 -1.18 4.20
N ILE A 35 -19.45 -1.59 4.00
CA ILE A 35 -20.35 -0.79 3.18
C ILE A 35 -20.68 0.52 3.92
N LEU A 36 -21.00 0.40 5.21
CA LEU A 36 -21.28 1.60 5.99
C LEU A 36 -20.10 2.52 5.94
N ALA A 37 -18.93 1.95 6.11
CA ALA A 37 -17.71 2.74 6.12
C ALA A 37 -17.46 3.44 4.77
N ALA A 38 -17.84 2.79 3.66
CA ALA A 38 -17.73 3.40 2.32
C ALA A 38 -18.67 4.60 2.12
N PHE A 39 -19.82 4.56 2.79
CA PHE A 39 -20.78 5.64 2.69
C PHE A 39 -20.18 6.95 3.20
N ILE A 40 -19.21 6.86 4.12
CA ILE A 40 -18.66 8.10 4.64
C ILE A 40 -17.33 8.47 4.04
N GLU A 41 -16.96 7.84 2.92
CA GLU A 41 -15.81 8.37 2.19
C GLU A 41 -16.21 9.65 1.48
N THR A 42 -15.24 10.52 1.27
CA THR A 42 -15.48 11.69 0.43
C THR A 42 -15.68 11.24 -1.00
N PRO A 43 -16.73 11.72 -1.66
CA PRO A 43 -16.87 11.38 -3.09
C PRO A 43 -15.79 12.08 -3.92
N GLU A 44 -15.33 11.50 -5.03
CA GLU A 44 -14.44 12.20 -5.96
C GLU A 44 -15.23 13.31 -6.65
N ASP A 45 -16.52 13.03 -6.76
CA ASP A 45 -17.59 13.99 -6.99
C ASP A 45 -17.30 15.41 -6.47
N GLY A 46 -16.51 15.50 -5.41
CA GLY A 46 -16.18 16.76 -4.75
C GLY A 46 -17.44 17.22 -4.01
N SER A 47 -18.34 16.26 -3.84
CA SER A 47 -19.68 16.50 -3.36
C SER A 47 -19.89 16.03 -1.91
N VAL A 48 -20.99 16.46 -1.30
CA VAL A 48 -21.36 16.01 0.04
C VAL A 48 -21.90 14.58 -0.02
N PRO A 49 -21.32 13.67 0.79
CA PRO A 49 -21.82 12.29 0.75
C PRO A 49 -23.30 12.19 1.11
N TYR A 50 -23.97 11.26 0.44
CA TYR A 50 -25.38 10.95 0.63
C TYR A 50 -25.72 10.77 2.11
N LEU A 51 -24.98 9.90 2.79
CA LEU A 51 -25.30 9.61 4.19
C LEU A 51 -25.03 10.85 5.07
N GLN A 52 -24.01 11.64 4.74
CA GLN A 52 -23.76 12.89 5.49
C GLN A 52 -24.98 13.83 5.44
N ASN A 53 -25.58 13.97 4.26
CA ASN A 53 -26.80 14.76 4.12
C ASN A 53 -27.89 14.28 5.03
N LEU A 54 -28.06 12.96 5.08
CA LEU A 54 -29.10 12.37 5.92
C LEU A 54 -28.84 12.67 7.38
N ILE A 55 -27.61 12.43 7.82
CA ILE A 55 -27.23 12.64 9.21
C ILE A 55 -27.41 14.11 9.62
N GLU A 56 -27.02 15.04 8.75
CA GLU A 56 -27.08 16.45 9.14
C GLU A 56 -28.50 17.02 9.07
N LYS A 57 -29.25 16.60 8.06
CA LYS A 57 -30.63 17.03 7.97
C LYS A 57 -31.41 16.40 9.11
N GLY A 58 -30.95 15.25 9.60
CA GLY A 58 -31.56 14.61 10.75
C GLY A 58 -31.06 15.30 12.00
N ARG A 59 -30.07 16.17 11.80
CA ARG A 59 -29.47 17.00 12.83
C ARG A 59 -28.71 16.26 13.90
N TYR A 60 -28.07 15.17 13.50
CA TYR A 60 -27.13 14.49 14.38
C TYR A 60 -25.73 14.99 14.08
N ASP A 61 -24.81 14.69 14.98
CA ASP A 61 -23.41 15.06 14.82
C ASP A 61 -22.68 14.11 13.86
N TYR A 62 -22.36 14.60 12.66
CA TYR A 62 -21.70 13.77 11.64
C TYR A 62 -20.27 13.39 12.01
N ASP A 63 -19.52 14.33 12.61
CA ASP A 63 -18.15 14.06 13.09
C ASP A 63 -18.07 12.91 14.09
N LEU A 64 -18.94 12.92 15.08
CA LEU A 64 -18.99 11.82 16.06
C LEU A 64 -19.39 10.53 15.35
N PHE A 65 -20.28 10.66 14.37
CA PHE A 65 -20.74 9.50 13.64
C PHE A 65 -19.58 8.82 12.90
N LYS A 66 -18.78 9.61 12.20
CA LYS A 66 -17.64 9.09 11.47
C LYS A 66 -16.63 8.41 12.40
N LYS A 67 -16.32 9.04 13.52
CA LYS A 67 -15.40 8.44 14.47
C LYS A 67 -15.86 7.05 14.87
N VAL A 68 -17.14 6.95 15.25
CA VAL A 68 -17.67 5.66 15.68
C VAL A 68 -17.56 4.62 14.57
N VAL A 69 -17.91 4.99 13.35
CA VAL A 69 -17.85 4.05 12.23
C VAL A 69 -16.40 3.64 11.96
N ASN A 70 -15.52 4.63 11.84
CA ASN A 70 -14.13 4.36 11.50
C ASN A 70 -13.47 3.54 12.60
N ARG A 71 -13.87 3.77 13.83
CA ARG A 71 -13.25 3.05 14.92
C ARG A 71 -13.69 1.58 14.87
N ASN A 72 -14.89 1.30 14.34
CA ASN A 72 -15.37 -0.08 14.27
C ASN A 72 -14.76 -0.81 13.11
N LEU A 73 -14.35 -0.04 12.11
CA LEU A 73 -13.68 -0.61 10.96
C LEU A 73 -12.22 -0.99 11.23
N VAL A 74 -11.44 -0.08 11.79
CA VAL A 74 -10.02 -0.33 11.93
C VAL A 74 -9.71 -1.16 13.17
N ARG A 75 -10.73 -1.57 13.89
CA ARG A 75 -10.53 -2.49 15.02
C ARG A 75 -10.99 -3.90 14.66
N ILE A 76 -11.38 -4.10 13.41
CA ILE A 76 -11.58 -5.45 12.91
C ILE A 76 -10.20 -6.05 12.78
N PRO A 77 -10.01 -7.26 13.32
CA PRO A 77 -8.62 -7.75 13.31
C PRO A 77 -8.16 -8.22 11.94
N GLN A 78 -7.03 -7.66 11.54
CA GLN A 78 -6.27 -8.03 10.36
C GLN A 78 -6.00 -9.53 10.26
N GLN A 79 -6.25 -10.14 9.10
CA GLN A 79 -5.65 -11.45 8.88
C GLN A 79 -4.48 -11.45 7.88
N GLN A 80 -3.37 -12.04 8.33
CA GLN A 80 -2.29 -12.53 7.48
C GLN A 80 -2.11 -13.98 7.94
N PRO A 81 -2.27 -14.97 7.05
CA PRO A 81 -2.35 -14.97 5.60
C PRO A 81 -3.57 -14.31 4.96
N ALA A 82 -3.32 -13.12 4.41
CA ALA A 82 -4.32 -12.44 3.59
C ALA A 82 -4.84 -13.44 2.59
N PRO A 83 -6.15 -13.72 2.66
CA PRO A 83 -6.71 -14.71 1.75
C PRO A 83 -6.62 -14.19 0.33
N ALA A 84 -6.55 -15.08 -0.64
CA ALA A 84 -6.43 -14.69 -2.04
C ALA A 84 -7.61 -13.76 -2.37
N GLU A 85 -8.78 -14.13 -1.86
CA GLU A 85 -9.97 -13.32 -2.01
C GLU A 85 -10.41 -12.72 -0.67
N ILE A 86 -11.16 -11.64 -0.75
CA ILE A 86 -11.86 -11.11 0.40
C ILE A 86 -13.30 -11.56 0.23
N THR A 87 -13.68 -12.59 0.98
CA THR A 87 -15.00 -13.21 0.92
C THR A 87 -16.12 -12.34 1.50
N PRO A 88 -17.21 -12.17 0.75
CA PRO A 88 -18.37 -11.55 1.42
C PRO A 88 -18.93 -12.47 2.48
N SER A 89 -19.06 -11.99 3.73
CA SER A 89 -19.57 -12.82 4.82
C SER A 89 -21.04 -13.08 4.62
N TYR A 90 -21.62 -13.97 5.43
CA TYR A 90 -23.05 -14.26 5.33
C TYR A 90 -23.92 -13.03 5.58
N ALA A 91 -23.58 -12.22 6.60
CA ALA A 91 -24.36 -11.02 6.94
C ALA A 91 -24.46 -10.06 5.77
N LEU A 92 -23.35 -9.88 5.07
CA LEU A 92 -23.32 -9.04 3.89
C LEU A 92 -24.16 -9.60 2.75
N GLY A 93 -24.16 -10.92 2.59
CA GLY A 93 -24.98 -11.55 1.58
C GLY A 93 -26.45 -11.25 1.78
N LYS A 94 -26.89 -11.29 3.04
CA LYS A 94 -28.28 -11.02 3.33
C LYS A 94 -28.60 -9.54 3.08
N VAL A 95 -27.65 -8.68 3.44
CA VAL A 95 -27.79 -7.25 3.22
C VAL A 95 -28.00 -6.96 1.75
N LEU A 96 -27.16 -7.54 0.89
CA LEU A 96 -27.33 -7.32 -0.55
C LEU A 96 -28.63 -7.92 -1.05
N GLN A 97 -28.96 -9.08 -0.53
CA GLN A 97 -30.20 -9.75 -0.90
C GLN A 97 -31.42 -8.89 -0.50
N ASP A 98 -31.36 -8.30 0.70
CA ASP A 98 -32.39 -7.35 1.14
C ASP A 98 -32.52 -6.10 0.28
N ALA A 99 -31.40 -5.56 -0.18
CA ALA A 99 -31.38 -4.34 -0.98
C ALA A 99 -32.20 -4.52 -2.24
N ALA A 100 -32.08 -5.69 -2.86
CA ALA A 100 -32.86 -5.95 -4.08
C ALA A 100 -34.37 -6.04 -3.79
N LYS A 101 -34.72 -6.59 -2.63
CA LYS A 101 -36.14 -6.65 -2.25
C LYS A 101 -36.70 -5.27 -1.99
N ILE A 102 -35.90 -4.44 -1.32
CA ILE A 102 -36.26 -3.06 -0.98
C ILE A 102 -36.35 -2.24 -2.26
N GLN A 103 -35.45 -2.52 -3.21
CA GLN A 103 -35.52 -1.88 -4.52
C GLN A 103 -36.89 -2.09 -5.18
N LYS A 104 -37.38 -3.32 -5.11
CA LYS A 104 -38.63 -3.70 -5.75
C LYS A 104 -39.85 -3.14 -5.02
N GLN A 105 -39.80 -3.10 -3.70
CA GLN A 105 -40.86 -2.48 -2.92
C GLN A 105 -41.00 -0.98 -3.18
N GLN A 106 -39.88 -0.34 -3.48
CA GLN A 106 -39.89 1.08 -3.80
C GLN A 106 -40.21 1.29 -5.27
N LYS A 107 -40.45 0.19 -5.98
CA LYS A 107 -40.77 0.19 -7.40
C LYS A 107 -39.67 0.84 -8.21
N ASP A 108 -38.41 0.66 -7.80
CA ASP A 108 -37.31 1.24 -8.56
C ASP A 108 -36.70 0.20 -9.52
N SER A 109 -36.03 0.67 -10.58
CA SER A 109 -35.54 -0.23 -11.61
C SER A 109 -34.12 -0.71 -11.31
N PHE A 110 -33.40 0.05 -10.50
CA PHE A 110 -32.04 -0.31 -10.12
C PHE A 110 -31.83 -0.28 -8.60
N ILE A 111 -30.91 -1.11 -8.12
CA ILE A 111 -30.53 -1.09 -6.71
C ILE A 111 -29.67 0.12 -6.45
N ALA A 112 -30.20 1.04 -5.67
CA ALA A 112 -29.54 2.31 -5.45
C ALA A 112 -28.81 2.28 -4.13
N GLN A 113 -28.04 3.34 -3.86
CA GLN A 113 -27.40 3.47 -2.56
C GLN A 113 -28.48 3.61 -1.47
N ASP A 114 -29.67 4.10 -1.81
CA ASP A 114 -30.75 4.21 -0.83
C ASP A 114 -31.12 2.82 -0.33
N HIS A 115 -31.25 1.90 -1.29
CA HIS A 115 -31.70 0.53 -1.00
C HIS A 115 -30.70 -0.20 -0.14
N ILE A 116 -29.42 -0.01 -0.47
CA ILE A 116 -28.37 -0.63 0.31
C ILE A 116 -28.38 -0.09 1.73
N LEU A 117 -28.53 1.24 1.86
CA LEU A 117 -28.57 1.88 3.16
C LEU A 117 -29.75 1.37 3.99
N PHE A 118 -30.92 1.28 3.37
CA PHE A 118 -32.11 0.72 4.02
C PHE A 118 -31.85 -0.73 4.46
N ALA A 119 -31.11 -1.48 3.64
CA ALA A 119 -30.88 -2.89 3.91
C ALA A 119 -29.89 -3.02 5.05
N LEU A 120 -28.90 -2.12 5.09
CA LEU A 120 -27.94 -2.09 6.20
C LEU A 120 -28.62 -1.95 7.55
N PHE A 121 -29.74 -1.25 7.57
CA PHE A 121 -30.43 -1.00 8.82
C PHE A 121 -31.02 -2.25 9.46
N ASN A 122 -31.26 -3.28 8.65
CA ASN A 122 -31.82 -4.55 9.14
C ASN A 122 -30.78 -5.44 9.83
N ASP A 123 -29.50 -5.14 9.61
CA ASP A 123 -28.38 -5.91 10.13
C ASP A 123 -27.99 -5.48 11.53
N SER A 124 -27.69 -6.46 12.39
CA SER A 124 -27.49 -6.21 13.81
C SER A 124 -26.23 -5.42 14.15
N SER A 125 -25.15 -5.68 13.43
CA SER A 125 -23.91 -4.97 13.71
C SER A 125 -24.10 -3.49 13.36
N ILE A 126 -24.79 -3.23 12.26
CA ILE A 126 -25.07 -1.87 11.84
C ILE A 126 -25.91 -1.16 12.89
N GLN A 127 -26.92 -1.84 13.40
CA GLN A 127 -27.78 -1.28 14.43
C GLN A 127 -26.97 -1.00 15.69
N GLN A 128 -26.08 -1.91 16.05
CA GLN A 128 -25.26 -1.68 17.23
C GLN A 128 -24.40 -0.43 17.03
N ILE A 129 -23.85 -0.26 15.81
CA ILE A 129 -23.04 0.92 15.49
C ILE A 129 -23.82 2.26 15.58
N PHE A 130 -25.01 2.29 14.99
CA PHE A 130 -25.83 3.49 15.07
C PHE A 130 -26.16 3.82 16.53
N LYS A 131 -26.36 2.80 17.35
CA LYS A 131 -26.68 3.06 18.74
C LYS A 131 -25.45 3.62 19.47
N GLU A 132 -24.24 3.13 19.14
CA GLU A 132 -23.02 3.70 19.72
C GLU A 132 -22.80 5.15 19.30
N ALA A 133 -23.20 5.49 18.08
CA ALA A 133 -23.00 6.84 17.56
C ALA A 133 -24.11 7.79 17.98
N GLN A 134 -25.04 7.30 18.80
CA GLN A 134 -26.20 8.08 19.24
C GLN A 134 -27.00 8.61 18.04
N VAL A 135 -27.23 7.76 17.06
CA VAL A 135 -28.07 8.16 15.95
C VAL A 135 -29.27 7.25 15.83
N ASP A 136 -30.45 7.85 15.79
CA ASP A 136 -31.69 7.10 15.65
C ASP A 136 -31.92 6.61 14.23
N ILE A 137 -31.90 5.28 14.04
CA ILE A 137 -32.06 4.73 12.69
C ILE A 137 -33.38 5.10 12.03
N GLU A 138 -34.46 5.13 12.80
CA GLU A 138 -35.77 5.41 12.22
C GLU A 138 -35.80 6.84 11.71
N ALA A 139 -35.09 7.74 12.38
CA ALA A 139 -34.97 9.11 11.92
C ALA A 139 -34.20 9.22 10.60
N ILE A 140 -33.13 8.43 10.45
CA ILE A 140 -32.34 8.44 9.24
C ILE A 140 -33.18 7.89 8.09
N LYS A 141 -33.95 6.84 8.38
CA LYS A 141 -34.90 6.29 7.41
C LYS A 141 -35.86 7.37 6.91
N GLN A 142 -36.37 8.19 7.82
CA GLN A 142 -37.31 9.25 7.39
C GLN A 142 -36.61 10.31 6.56
N GLN A 143 -35.39 10.68 6.93
CA GLN A 143 -34.60 11.60 6.13
C GLN A 143 -34.35 11.03 4.72
N ALA A 144 -34.04 9.74 4.62
CA ALA A 144 -33.82 9.09 3.34
C ALA A 144 -35.03 9.20 2.39
N LEU A 145 -36.23 9.00 2.92
CA LEU A 145 -37.42 9.18 2.10
C LEU A 145 -37.57 10.61 1.69
N GLU A 146 -37.31 11.52 2.63
CA GLU A 146 -37.47 12.94 2.31
C GLU A 146 -36.45 13.39 1.29
N LEU A 147 -35.26 12.82 1.37
CA LEU A 147 -34.19 13.15 0.42
C LEU A 147 -34.63 12.82 -1.00
N ARG A 148 -35.30 11.67 -1.14
CA ARG A 148 -35.61 11.11 -2.45
C ARG A 148 -36.89 11.65 -3.06
N GLY A 149 -37.82 12.05 -2.21
CA GLY A 149 -39.12 12.50 -2.64
C GLY A 149 -39.73 11.43 -3.52
N ASN A 150 -40.40 11.90 -4.56
CA ASN A 150 -41.08 11.02 -5.48
C ASN A 150 -40.19 10.66 -6.67
N THR A 151 -38.87 10.78 -6.49
CA THR A 151 -37.94 10.46 -7.55
C THR A 151 -37.87 8.97 -7.80
N ARG A 152 -38.15 8.57 -9.03
CA ARG A 152 -38.04 7.20 -9.43
C ARG A 152 -36.58 6.92 -9.76
N ILE A 153 -36.08 5.79 -9.28
CA ILE A 153 -34.73 5.40 -9.63
C ILE A 153 -34.79 4.48 -10.85
N ASP A 154 -34.76 5.11 -12.03
CA ASP A 154 -34.95 4.43 -13.31
C ASP A 154 -33.75 4.55 -14.25
N SER A 155 -32.68 5.18 -13.79
CA SER A 155 -31.42 5.15 -14.52
C SER A 155 -30.30 4.81 -13.54
N ARG A 156 -29.13 4.42 -14.02
CA ARG A 156 -28.06 4.09 -13.09
C ARG A 156 -27.41 5.36 -12.57
N GLY A 157 -27.92 6.50 -13.01
CA GLY A 157 -27.42 7.77 -12.55
C GLY A 157 -28.44 8.49 -11.71
N ALA A 158 -29.55 7.82 -11.42
CA ALA A 158 -30.68 8.51 -10.82
C ALA A 158 -30.50 8.82 -9.33
N ASP A 159 -29.72 8.01 -8.59
CA ASP A 159 -29.67 8.14 -7.12
C ASP A 159 -28.66 9.18 -6.58
N THR A 160 -28.87 10.45 -6.93
CA THR A 160 -27.95 11.53 -6.56
C THR A 160 -27.73 11.67 -5.05
N ASN A 161 -26.52 12.08 -4.67
CA ASN A 161 -26.23 12.37 -3.26
C ASN A 161 -27.02 13.56 -2.78
N THR A 162 -27.40 14.43 -3.72
CA THR A 162 -28.15 15.64 -3.39
C THR A 162 -29.41 15.83 -4.25
N ASP B 3 23.82 17.61 0.12
CA ASP B 3 23.32 18.94 -0.24
C ASP B 3 21.84 19.11 0.12
N GLN B 4 21.39 20.35 0.07
CA GLN B 4 20.05 20.69 0.48
C GLN B 4 19.08 20.57 -0.71
N THR B 5 19.61 20.68 -1.91
CA THR B 5 18.82 20.49 -3.12
C THR B 5 18.53 19.02 -3.42
N GLN B 6 19.06 18.12 -2.59
CA GLN B 6 18.75 16.70 -2.73
C GLN B 6 17.35 16.40 -2.21
N PHE B 7 16.82 17.33 -1.40
CA PHE B 7 15.46 17.20 -0.87
C PHE B 7 14.42 17.97 -1.66
N THR B 8 13.18 17.48 -1.66
CA THR B 8 12.08 18.28 -2.20
C THR B 8 11.87 19.47 -1.27
N GLU B 9 11.18 20.50 -1.76
CA GLU B 9 10.90 21.68 -0.95
C GLU B 9 10.12 21.36 0.31
N ARG B 10 9.04 20.61 0.15
CA ARG B 10 8.20 20.27 1.30
C ARG B 10 8.99 19.47 2.32
N ALA B 11 9.79 18.51 1.84
CA ALA B 11 10.66 17.72 2.69
C ALA B 11 11.64 18.66 3.39
N LEU B 12 12.07 19.68 2.68
CA LEU B 12 13.01 20.63 3.25
C LEU B 12 12.36 21.45 4.35
N THR B 13 11.13 21.89 4.07
CA THR B 13 10.34 22.69 5.00
C THR B 13 10.13 21.89 6.29
N ILE B 14 9.82 20.62 6.11
CA ILE B 14 9.59 19.73 7.25
C ILE B 14 10.83 19.54 8.11
N LEU B 15 12.00 19.37 7.51
CA LEU B 15 13.21 19.23 8.29
C LEU B 15 13.52 20.52 9.04
N THR B 16 13.24 21.65 8.41
CA THR B 16 13.45 22.93 9.05
C THR B 16 12.48 23.14 10.19
N LEU B 17 11.23 22.81 9.93
CA LEU B 17 10.19 22.91 10.93
C LEU B 17 10.52 22.02 12.11
N ALA B 18 11.08 20.84 11.81
CA ALA B 18 11.47 19.90 12.84
C ALA B 18 12.48 20.53 13.79
N GLN B 19 13.47 21.20 13.20
CA GLN B 19 14.53 21.85 13.97
C GLN B 19 14.00 23.03 14.79
N LYS B 20 13.06 23.76 14.21
CA LYS B 20 12.43 24.86 14.95
C LYS B 20 11.67 24.31 16.15
N LEU B 21 10.91 23.24 15.95
CA LEU B 21 10.14 22.64 17.03
C LEU B 21 11.07 22.17 18.12
N ALA B 22 12.19 21.59 17.72
CA ALA B 22 13.15 21.10 18.71
C ALA B 22 13.68 22.29 19.54
N SER B 23 14.00 23.36 18.83
CA SER B 23 14.53 24.57 19.45
C SER B 23 13.51 25.16 20.42
N ASP B 24 12.27 25.30 19.94
CA ASP B 24 11.15 25.82 20.73
C ASP B 24 10.88 25.00 21.99
N HIS B 25 11.45 23.80 22.05
CA HIS B 25 11.30 22.93 23.20
C HIS B 25 12.67 22.77 23.88
N GLN B 26 13.67 23.50 23.36
CA GLN B 26 15.00 23.45 23.93
C GLN B 26 15.60 22.03 24.04
N HIS B 27 15.43 21.26 22.97
CA HIS B 27 16.08 19.97 22.82
C HIS B 27 17.49 20.12 22.25
N PRO B 28 18.42 19.35 22.80
CA PRO B 28 19.80 19.35 22.32
C PRO B 28 19.89 18.72 20.93
N GLN B 29 19.18 17.62 20.72
CA GLN B 29 19.26 16.89 19.47
C GLN B 29 17.99 16.86 18.64
N LEU B 30 18.19 16.88 17.33
CA LEU B 30 17.11 16.65 16.39
C LEU B 30 16.88 15.15 16.29
N GLN B 31 15.62 14.74 16.42
CA GLN B 31 15.29 13.33 16.52
C GLN B 31 14.08 12.95 15.68
N PRO B 32 13.86 11.65 15.43
CA PRO B 32 12.74 11.23 14.58
C PRO B 32 11.40 11.80 15.02
N ILE B 33 11.18 11.94 16.32
CA ILE B 33 9.93 12.52 16.82
C ILE B 33 9.74 13.98 16.36
N HIS B 34 10.83 14.74 16.23
CA HIS B 34 10.68 16.12 15.80
C HIS B 34 10.13 16.19 14.37
N ILE B 35 10.55 15.25 13.53
CA ILE B 35 10.05 15.18 12.17
C ILE B 35 8.58 14.79 12.14
N LEU B 36 8.23 13.75 12.89
CA LEU B 36 6.84 13.34 12.95
C LEU B 36 6.03 14.55 13.40
N ALA B 37 6.53 15.26 14.41
CA ALA B 37 5.85 16.45 14.95
C ALA B 37 5.75 17.57 13.92
N ALA B 38 6.77 17.70 13.06
CA ALA B 38 6.71 18.67 11.97
C ALA B 38 5.62 18.35 10.93
N PHE B 39 5.41 17.05 10.66
CA PHE B 39 4.42 16.59 9.68
C PHE B 39 3.00 16.99 10.06
N ILE B 40 2.74 17.16 11.35
CA ILE B 40 1.38 17.46 11.83
C ILE B 40 1.13 18.93 12.13
N GLU B 41 2.03 19.81 11.71
CA GLU B 41 1.83 21.23 11.93
C GLU B 41 0.72 21.73 10.99
N THR B 42 1.09 22.23 9.81
CA THR B 42 0.08 22.62 8.81
C THR B 42 0.53 22.40 7.37
N SER B 47 -3.08 23.37 1.82
CA SER B 47 -2.85 23.72 3.22
C SER B 47 -3.05 22.51 4.18
N VAL B 48 -3.81 21.50 3.76
CA VAL B 48 -4.02 20.29 4.59
C VAL B 48 -2.75 19.42 4.64
N PRO B 49 -2.28 19.08 5.86
CA PRO B 49 -1.03 18.31 5.94
C PRO B 49 -1.09 16.93 5.26
N TYR B 50 0.03 16.58 4.64
CA TYR B 50 0.21 15.32 3.95
C TYR B 50 -0.20 14.15 4.83
N LEU B 51 0.41 14.10 6.00
CA LEU B 51 0.21 13.00 6.93
C LEU B 51 -1.22 13.03 7.47
N GLN B 52 -1.79 14.22 7.63
CA GLN B 52 -3.17 14.25 8.09
C GLN B 52 -4.06 13.51 7.11
N ASN B 53 -3.87 13.81 5.83
CA ASN B 53 -4.66 13.17 4.80
C ASN B 53 -4.48 11.65 4.85
N LEU B 54 -3.26 11.18 5.07
CA LEU B 54 -3.01 9.75 5.15
C LEU B 54 -3.72 9.11 6.32
N ILE B 55 -3.59 9.71 7.51
CA ILE B 55 -4.24 9.20 8.72
C ILE B 55 -5.76 9.12 8.57
N GLU B 56 -6.36 10.11 7.94
CA GLU B 56 -7.81 10.12 7.81
C GLU B 56 -8.33 9.20 6.71
N LYS B 57 -7.63 9.16 5.57
CA LYS B 57 -8.01 8.24 4.52
C LYS B 57 -7.83 6.80 4.97
N GLY B 58 -6.92 6.59 5.93
CA GLY B 58 -6.74 5.30 6.55
C GLY B 58 -7.78 5.08 7.64
N ARG B 59 -8.53 6.12 7.95
CA ARG B 59 -9.65 6.09 8.91
C ARG B 59 -9.27 5.85 10.36
N TYR B 60 -8.11 6.37 10.73
CA TYR B 60 -7.70 6.44 12.14
C TYR B 60 -8.06 7.81 12.67
N ASP B 61 -8.04 7.95 13.99
CA ASP B 61 -8.41 9.21 14.61
C ASP B 61 -7.22 10.18 14.61
N TYR B 62 -7.27 11.20 13.77
CA TYR B 62 -6.14 12.14 13.69
C TYR B 62 -5.95 12.98 14.97
N ASP B 63 -7.07 13.36 15.59
CA ASP B 63 -7.06 14.10 16.86
C ASP B 63 -6.30 13.34 17.94
N LEU B 64 -6.62 12.06 18.09
CA LEU B 64 -5.88 11.24 19.04
C LEU B 64 -4.43 11.17 18.63
N PHE B 65 -4.17 11.13 17.31
CA PHE B 65 -2.81 10.99 16.84
C PHE B 65 -1.95 12.18 17.29
N LYS B 66 -2.47 13.40 17.11
CA LYS B 66 -1.78 14.61 17.55
C LYS B 66 -1.51 14.60 19.05
N LYS B 67 -2.47 14.14 19.84
CA LYS B 67 -2.25 13.99 21.29
C LYS B 67 -1.00 13.16 21.59
N VAL B 68 -0.97 11.95 21.05
CA VAL B 68 0.11 11.01 21.28
C VAL B 68 1.43 11.61 20.82
N VAL B 69 1.41 12.28 19.70
CA VAL B 69 2.63 12.89 19.21
C VAL B 69 3.04 14.04 20.14
N ASN B 70 2.12 14.97 20.38
CA ASN B 70 2.41 16.13 21.25
C ASN B 70 2.74 15.72 22.67
N ARG B 71 2.06 14.68 23.16
CA ARG B 71 2.28 14.24 24.53
C ARG B 71 3.64 13.60 24.67
N ASN B 72 4.07 12.94 23.61
CA ASN B 72 5.32 12.22 23.62
C ASN B 72 6.48 13.17 23.30
N LEU B 73 6.12 14.29 22.71
CA LEU B 73 7.08 15.33 22.39
C LEU B 73 7.48 16.05 23.68
N VAL B 74 6.47 16.40 24.49
CA VAL B 74 6.69 17.16 25.72
C VAL B 74 7.20 16.29 26.87
N ARG B 75 7.52 15.02 26.59
CA ARG B 75 8.15 14.18 27.60
C ARG B 75 9.65 14.08 27.38
N ILE B 76 10.18 14.74 26.35
CA ILE B 76 11.63 14.92 26.33
C ILE B 76 11.85 16.27 27.02
N PRO B 77 12.75 16.28 28.02
CA PRO B 77 12.98 17.43 28.88
C PRO B 77 13.90 18.50 28.31
N GLN B 78 13.61 19.70 28.78
CA GLN B 78 14.43 20.89 28.62
C GLN B 78 15.92 20.61 28.87
N GLN B 79 16.79 20.94 27.92
CA GLN B 79 18.16 21.06 28.36
C GLN B 79 18.53 22.54 28.33
N GLN B 80 19.13 22.98 29.44
CA GLN B 80 19.49 24.38 29.68
C GLN B 80 21.00 24.48 29.88
N PRO B 81 21.69 25.32 29.09
CA PRO B 81 21.35 26.29 28.04
C PRO B 81 21.09 25.74 26.64
N ALA B 82 20.43 26.55 25.80
CA ALA B 82 20.27 26.28 24.38
C ALA B 82 21.58 25.87 23.71
N PRO B 83 21.61 24.66 23.11
CA PRO B 83 22.82 24.14 22.47
C PRO B 83 23.16 24.99 21.25
N ALA B 84 24.44 25.06 20.89
CA ALA B 84 24.87 25.90 19.78
C ALA B 84 24.18 25.49 18.50
N GLU B 85 24.35 24.22 18.20
CA GLU B 85 23.68 23.61 17.08
C GLU B 85 22.83 22.46 17.63
N ILE B 86 21.74 22.12 16.93
CA ILE B 86 20.92 21.00 17.36
C ILE B 86 21.35 19.79 16.53
N THR B 87 22.16 18.96 17.16
CA THR B 87 22.75 17.80 16.50
C THR B 87 21.72 16.77 16.12
N PRO B 88 21.79 16.29 14.87
CA PRO B 88 20.98 15.14 14.47
C PRO B 88 21.41 13.94 15.29
N SER B 89 20.46 13.26 15.90
CA SER B 89 20.77 12.08 16.68
C SER B 89 21.15 10.95 15.74
N TYR B 90 21.70 9.88 16.30
CA TYR B 90 22.09 8.73 15.51
C TYR B 90 20.85 8.13 14.84
N ALA B 91 19.77 8.07 15.62
CA ALA B 91 18.51 7.51 15.15
C ALA B 91 18.01 8.28 13.94
N LEU B 92 18.15 9.60 14.02
CA LEU B 92 17.76 10.48 12.93
C LEU B 92 18.63 10.27 11.70
N GLY B 93 19.91 10.00 11.94
CA GLY B 93 20.82 9.72 10.84
C GLY B 93 20.41 8.54 9.98
N LYS B 94 19.99 7.46 10.62
CA LYS B 94 19.60 6.25 9.92
C LYS B 94 18.34 6.51 9.10
N VAL B 95 17.43 7.32 9.67
CA VAL B 95 16.20 7.71 9.02
C VAL B 95 16.47 8.44 7.70
N LEU B 96 17.34 9.44 7.72
CA LEU B 96 17.64 10.18 6.50
C LEU B 96 18.38 9.29 5.49
N GLN B 97 19.30 8.48 5.97
CA GLN B 97 19.98 7.57 5.07
C GLN B 97 18.96 6.61 4.47
N ASP B 98 18.04 6.13 5.31
CA ASP B 98 16.96 5.25 4.84
C ASP B 98 16.09 5.93 3.78
N ALA B 99 15.78 7.22 4.03
CA ALA B 99 14.93 7.99 3.13
C ALA B 99 15.52 8.04 1.74
N ALA B 100 16.84 8.23 1.68
CA ALA B 100 17.56 8.29 0.42
C ALA B 100 17.59 6.94 -0.30
N LYS B 101 17.71 5.83 0.45
CA LYS B 101 17.65 4.50 -0.17
C LYS B 101 16.23 4.23 -0.70
N ILE B 102 15.22 4.64 0.05
CA ILE B 102 13.84 4.45 -0.35
C ILE B 102 13.53 5.26 -1.62
N GLN B 103 14.05 6.48 -1.66
CA GLN B 103 13.90 7.36 -2.82
C GLN B 103 14.43 6.68 -4.09
N LYS B 104 15.60 6.06 -3.97
CA LYS B 104 16.20 5.40 -5.12
C LYS B 104 15.50 4.14 -5.50
N GLN B 105 15.10 3.32 -4.51
CA GLN B 105 14.46 2.07 -4.92
C GLN B 105 13.13 2.42 -5.58
N GLN B 106 12.57 3.56 -5.21
CA GLN B 106 11.32 3.99 -5.82
C GLN B 106 11.52 4.70 -7.16
N LYS B 107 12.77 4.82 -7.60
CA LYS B 107 13.12 5.51 -8.85
C LYS B 107 12.66 6.99 -8.86
N ASP B 108 12.78 7.64 -7.71
CA ASP B 108 12.51 9.07 -7.63
C ASP B 108 13.81 9.83 -7.61
N SER B 109 13.76 11.10 -8.02
CA SER B 109 14.97 11.91 -8.20
C SER B 109 15.30 12.77 -6.99
N PHE B 110 14.32 13.07 -6.16
CA PHE B 110 14.56 13.85 -4.96
C PHE B 110 13.98 13.16 -3.75
N ILE B 111 14.61 13.37 -2.60
CA ILE B 111 14.10 12.86 -1.33
C ILE B 111 12.87 13.67 -0.89
N ALA B 112 11.71 13.03 -0.91
CA ALA B 112 10.44 13.69 -0.67
C ALA B 112 9.92 13.44 0.74
N GLN B 113 8.82 14.10 1.08
CA GLN B 113 8.23 13.86 2.39
C GLN B 113 7.73 12.42 2.47
N ASP B 114 7.35 11.84 1.33
CA ASP B 114 6.92 10.44 1.30
C ASP B 114 8.04 9.53 1.78
N HIS B 115 9.23 9.77 1.24
CA HIS B 115 10.39 8.95 1.52
C HIS B 115 10.79 9.04 2.99
N ILE B 116 10.77 10.26 3.51
CA ILE B 116 11.07 10.49 4.91
C ILE B 116 10.03 9.80 5.80
N LEU B 117 8.76 9.89 5.42
CA LEU B 117 7.72 9.22 6.18
C LEU B 117 7.98 7.71 6.21
N PHE B 118 8.27 7.12 5.05
CA PHE B 118 8.57 5.69 4.97
C PHE B 118 9.75 5.34 5.85
N ALA B 119 10.74 6.24 5.92
CA ALA B 119 11.94 5.94 6.70
C ALA B 119 11.64 6.03 8.19
N LEU B 120 10.78 6.98 8.59
CA LEU B 120 10.37 7.09 9.98
C LEU B 120 9.75 5.79 10.49
N PHE B 121 9.07 5.09 9.59
CA PHE B 121 8.38 3.85 9.93
C PHE B 121 9.34 2.74 10.35
N ASN B 122 10.59 2.82 9.93
CA ASN B 122 11.57 1.81 10.32
C ASN B 122 12.08 2.06 11.72
N ASP B 123 11.84 3.26 12.23
CA ASP B 123 12.35 3.69 13.53
C ASP B 123 11.44 3.30 14.70
N SER B 124 12.04 2.81 15.78
CA SER B 124 11.25 2.26 16.90
C SER B 124 10.47 3.26 17.71
N SER B 125 11.04 4.44 17.92
CA SER B 125 10.31 5.42 18.71
C SER B 125 9.05 5.78 17.93
N ILE B 126 9.20 5.90 16.63
CA ILE B 126 8.07 6.21 15.75
C ILE B 126 7.04 5.08 15.81
N GLN B 127 7.52 3.84 15.78
CA GLN B 127 6.63 2.70 15.86
C GLN B 127 5.87 2.69 17.18
N GLN B 128 6.58 3.02 18.26
CA GLN B 128 5.98 3.10 19.59
C GLN B 128 4.90 4.15 19.63
N ILE B 129 5.17 5.29 19.00
CA ILE B 129 4.20 6.37 18.93
C ILE B 129 2.97 5.93 18.15
N PHE B 130 3.18 5.32 17.00
CA PHE B 130 2.04 4.87 16.21
C PHE B 130 1.19 3.82 16.91
N LYS B 131 1.84 2.88 17.60
CA LYS B 131 1.08 1.84 18.26
C LYS B 131 0.35 2.44 19.46
N GLU B 132 0.97 3.41 20.12
CA GLU B 132 0.32 4.11 21.22
C GLU B 132 -0.91 4.82 20.72
N ALA B 133 -0.86 5.33 19.51
CA ALA B 133 -2.04 6.01 18.95
C ALA B 133 -2.94 4.99 18.26
N GLN B 134 -2.54 3.72 18.29
CA GLN B 134 -3.28 2.63 17.64
C GLN B 134 -3.56 2.97 16.18
N VAL B 135 -2.52 3.40 15.49
CA VAL B 135 -2.60 3.57 14.06
C VAL B 135 -1.72 2.52 13.44
N ASP B 136 -2.32 1.71 12.58
CA ASP B 136 -1.61 0.61 11.96
C ASP B 136 -0.70 1.21 10.89
N ILE B 137 0.61 1.07 11.08
CA ILE B 137 1.58 1.67 10.19
C ILE B 137 1.42 1.13 8.78
N GLU B 138 1.07 -0.14 8.69
CA GLU B 138 0.96 -0.80 7.40
C GLU B 138 -0.20 -0.21 6.58
N ALA B 139 -1.28 0.16 7.24
CA ALA B 139 -2.41 0.79 6.56
C ALA B 139 -2.00 2.18 6.03
N ILE B 140 -1.17 2.90 6.81
CA ILE B 140 -0.71 4.21 6.39
C ILE B 140 0.24 4.13 5.19
N LYS B 141 1.12 3.12 5.16
CA LYS B 141 2.00 2.85 4.02
C LYS B 141 1.18 2.67 2.74
N GLN B 142 0.09 1.90 2.82
CA GLN B 142 -0.76 1.67 1.65
C GLN B 142 -1.49 2.95 1.23
N GLN B 143 -1.95 3.76 2.19
CA GLN B 143 -2.51 5.08 1.88
C GLN B 143 -1.49 5.97 1.19
N ALA B 144 -0.25 5.96 1.67
CA ALA B 144 0.79 6.72 1.01
C ALA B 144 0.97 6.23 -0.44
N LEU B 145 0.96 4.92 -0.65
CA LEU B 145 1.08 4.42 -2.01
C LEU B 145 -0.12 4.89 -2.85
N GLU B 146 -1.32 4.80 -2.27
CA GLU B 146 -2.54 5.21 -2.98
C GLU B 146 -2.59 6.71 -3.24
N LEU B 147 -2.06 7.50 -2.31
CA LEU B 147 -2.02 8.95 -2.46
C LEU B 147 -1.25 9.36 -3.71
N ARG B 148 -0.08 8.78 -3.92
CA ARG B 148 0.75 9.25 -5.01
C ARG B 148 0.51 8.58 -6.35
N GLY B 149 -0.11 7.41 -6.36
CA GLY B 149 -0.31 6.71 -7.62
C GLY B 149 1.03 6.49 -8.29
N ASN B 150 1.08 6.68 -9.59
CA ASN B 150 2.33 6.47 -10.33
C ASN B 150 3.06 7.77 -10.53
N THR B 151 2.76 8.77 -9.71
CA THR B 151 3.44 10.03 -9.90
C THR B 151 4.90 9.94 -9.50
N ARG B 152 5.78 10.25 -10.43
CA ARG B 152 7.18 10.28 -10.10
C ARG B 152 7.66 11.58 -9.49
N ILE B 153 8.49 11.45 -8.47
CA ILE B 153 9.04 12.61 -7.84
C ILE B 153 10.39 12.88 -8.48
N ASP B 154 10.36 13.66 -9.55
CA ASP B 154 11.57 13.98 -10.29
C ASP B 154 11.80 15.50 -10.31
N SER B 155 10.94 16.26 -9.63
CA SER B 155 11.21 17.69 -9.41
C SER B 155 11.01 17.99 -7.93
N ARG B 156 11.53 19.13 -7.48
CA ARG B 156 11.47 19.44 -6.07
C ARG B 156 10.11 19.94 -5.58
N GLY B 157 9.13 20.00 -6.49
CA GLY B 157 7.77 20.38 -6.15
C GLY B 157 6.76 19.25 -6.33
N ALA B 158 7.22 18.05 -6.66
CA ALA B 158 6.29 16.98 -7.09
C ALA B 158 5.50 16.30 -5.95
N ASP B 159 6.06 16.28 -4.74
CA ASP B 159 5.48 15.49 -3.66
C ASP B 159 4.36 16.24 -2.93
N THR B 160 3.29 16.52 -3.68
CA THR B 160 2.16 17.29 -3.20
C THR B 160 1.52 16.64 -1.97
N ASN B 161 0.96 17.46 -1.07
CA ASN B 161 0.24 16.93 0.09
C ASN B 161 -1.01 16.21 -0.35
N THR B 162 -1.51 16.56 -1.53
CA THR B 162 -2.72 15.97 -2.05
C THR B 162 -2.50 15.36 -3.43
N GLN C 4 -1.91 -12.62 -15.09
CA GLN C 4 -0.76 -13.00 -15.91
C GLN C 4 -0.47 -11.96 -17.00
N THR C 5 -1.48 -11.15 -17.32
CA THR C 5 -1.28 -9.95 -18.14
C THR C 5 -0.65 -8.86 -17.27
N GLN C 6 -0.53 -9.20 -15.99
CA GLN C 6 0.07 -8.35 -14.99
C GLN C 6 1.61 -8.36 -15.10
N PHE C 7 2.16 -9.34 -15.82
CA PHE C 7 3.61 -9.45 -16.03
C PHE C 7 4.05 -8.92 -17.40
N THR C 8 5.28 -8.41 -17.47
CA THR C 8 5.90 -8.09 -18.76
C THR C 8 6.21 -9.38 -19.52
N GLU C 9 6.52 -9.23 -20.81
CA GLU C 9 6.84 -10.39 -21.63
C GLU C 9 8.03 -11.14 -21.06
N ARG C 10 9.10 -10.39 -20.78
CA ARG C 10 10.34 -11.00 -20.32
C ARG C 10 10.16 -11.65 -18.97
N ALA C 11 9.36 -11.02 -18.12
CA ALA C 11 9.01 -11.58 -16.83
C ALA C 11 8.30 -12.92 -16.99
N LEU C 12 7.44 -12.99 -18.01
CA LEU C 12 6.67 -14.21 -18.28
C LEU C 12 7.57 -15.30 -18.83
N THR C 13 8.49 -14.92 -19.71
CA THR C 13 9.44 -15.87 -20.28
C THR C 13 10.22 -16.54 -19.18
N ILE C 14 10.67 -15.75 -18.23
CA ILE C 14 11.48 -16.25 -17.16
C ILE C 14 10.68 -17.22 -16.32
N LEU C 15 9.42 -16.91 -16.05
CA LEU C 15 8.57 -17.80 -15.25
C LEU C 15 8.29 -19.09 -16.00
N THR C 16 8.10 -18.98 -17.30
CA THR C 16 7.79 -20.14 -18.13
C THR C 16 9.00 -21.06 -18.17
N LEU C 17 10.17 -20.45 -18.34
CA LEU C 17 11.41 -21.19 -18.35
C LEU C 17 11.67 -21.85 -17.01
N ALA C 18 11.30 -21.16 -15.94
CA ALA C 18 11.46 -21.70 -14.60
C ALA C 18 10.66 -23.00 -14.48
N GLN C 19 9.41 -22.97 -14.94
CA GLN C 19 8.58 -24.15 -14.89
C GLN C 19 9.13 -25.25 -15.76
N LYS C 20 9.67 -24.88 -16.92
CA LYS C 20 10.28 -25.86 -17.81
C LYS C 20 11.49 -26.51 -17.14
N LEU C 21 12.30 -25.71 -16.48
CA LEU C 21 13.45 -26.19 -15.74
C LEU C 21 13.01 -27.15 -14.64
N ALA C 22 11.93 -26.83 -13.94
CA ALA C 22 11.50 -27.71 -12.89
C ALA C 22 11.08 -29.06 -13.49
N SER C 23 10.28 -28.96 -14.54
CA SER C 23 9.69 -30.11 -15.18
C SER C 23 10.80 -31.03 -15.71
N ASP C 24 11.77 -30.45 -16.41
CA ASP C 24 12.89 -31.24 -16.94
C ASP C 24 13.68 -32.00 -15.87
N HIS C 25 13.48 -31.68 -14.61
CA HIS C 25 14.19 -32.38 -13.56
C HIS C 25 13.25 -33.16 -12.66
N GLN C 26 11.99 -33.21 -13.04
CA GLN C 26 10.95 -33.87 -12.24
C GLN C 26 10.98 -33.34 -10.81
N HIS C 27 11.12 -32.03 -10.67
CA HIS C 27 10.98 -31.42 -9.35
C HIS C 27 9.51 -31.18 -9.07
N PRO C 28 9.07 -31.53 -7.85
CA PRO C 28 7.67 -31.42 -7.44
C PRO C 28 7.16 -29.98 -7.31
N GLN C 29 7.96 -29.09 -6.73
CA GLN C 29 7.49 -27.73 -6.49
C GLN C 29 8.28 -26.72 -7.27
N LEU C 30 7.64 -25.66 -7.72
CA LEU C 30 8.37 -24.56 -8.30
C LEU C 30 8.95 -23.69 -7.18
N GLN C 31 10.24 -23.37 -7.27
CA GLN C 31 10.94 -22.70 -6.16
C GLN C 31 11.82 -21.53 -6.61
N PRO C 32 12.30 -20.69 -5.66
CA PRO C 32 13.09 -19.51 -6.08
C PRO C 32 14.30 -19.83 -6.95
N ILE C 33 14.98 -20.94 -6.65
CA ILE C 33 16.16 -21.35 -7.40
C ILE C 33 15.76 -21.53 -8.86
N HIS C 34 14.55 -22.05 -9.10
CA HIS C 34 14.12 -22.23 -10.49
C HIS C 34 14.05 -20.90 -11.24
N ILE C 35 13.60 -19.85 -10.55
CA ILE C 35 13.53 -18.51 -11.15
C ILE C 35 14.93 -17.97 -11.42
N LEU C 36 15.80 -18.05 -10.42
CA LEU C 36 17.17 -17.60 -10.58
C LEU C 36 17.86 -18.31 -11.73
N ALA C 37 17.64 -19.61 -11.79
CA ALA C 37 18.25 -20.44 -12.83
C ALA C 37 17.72 -20.05 -14.22
N ALA C 38 16.46 -19.67 -14.29
CA ALA C 38 15.92 -19.15 -15.54
C ALA C 38 16.61 -17.82 -15.94
N PHE C 39 16.99 -17.00 -14.96
CA PHE C 39 17.64 -15.72 -15.23
C PHE C 39 18.99 -15.87 -15.94
N ILE C 40 19.69 -16.98 -15.71
CA ILE C 40 21.00 -17.15 -16.32
C ILE C 40 20.88 -17.99 -17.61
N GLU C 41 19.67 -18.25 -18.06
CA GLU C 41 19.50 -18.78 -19.40
C GLU C 41 19.83 -17.68 -20.37
N THR C 42 20.21 -18.06 -21.58
CA THR C 42 20.44 -17.06 -22.60
C THR C 42 19.10 -16.92 -23.31
N PRO C 43 18.65 -15.68 -23.50
CA PRO C 43 17.33 -15.46 -24.11
C PRO C 43 17.26 -16.04 -25.51
N GLU C 44 16.07 -16.44 -25.98
CA GLU C 44 15.93 -16.79 -27.39
C GLU C 44 16.20 -15.48 -28.07
N ASP C 45 17.36 -15.41 -28.67
CA ASP C 45 18.16 -14.21 -28.59
C ASP C 45 17.48 -12.85 -28.44
N GLY C 46 17.85 -12.24 -27.31
CA GLY C 46 17.44 -10.94 -26.82
C GLY C 46 18.81 -10.40 -26.41
N SER C 47 19.83 -11.03 -26.99
CA SER C 47 21.27 -10.87 -26.73
C SER C 47 21.76 -10.92 -25.31
N VAL C 48 22.19 -9.79 -24.79
CA VAL C 48 22.78 -9.79 -23.46
C VAL C 48 21.71 -10.11 -22.45
N PRO C 49 21.93 -11.16 -21.65
CA PRO C 49 20.96 -11.46 -20.59
C PRO C 49 20.94 -10.32 -19.59
N TYR C 50 19.76 -10.02 -19.08
CA TYR C 50 19.59 -9.02 -18.06
C TYR C 50 20.51 -9.21 -16.85
N LEU C 51 20.47 -10.39 -16.23
CA LEU C 51 21.23 -10.62 -14.99
C LEU C 51 22.75 -10.66 -15.20
N GLN C 52 23.19 -11.24 -16.31
CA GLN C 52 24.62 -11.30 -16.61
C GLN C 52 25.22 -9.90 -16.68
N ASN C 53 24.52 -9.00 -17.37
CA ASN C 53 24.95 -7.60 -17.45
C ASN C 53 25.17 -6.99 -16.06
N LEU C 54 24.23 -7.23 -15.14
CA LEU C 54 24.35 -6.71 -13.79
C LEU C 54 25.54 -7.32 -13.08
N ILE C 55 25.64 -8.65 -13.10
CA ILE C 55 26.75 -9.33 -12.44
C ILE C 55 28.09 -8.86 -13.00
N GLU C 56 28.18 -8.69 -14.32
CA GLU C 56 29.47 -8.34 -14.92
C GLU C 56 29.87 -6.87 -14.71
N LYS C 57 28.92 -5.95 -14.80
CA LYS C 57 29.17 -4.54 -14.48
C LYS C 57 29.47 -4.36 -13.00
N GLY C 58 28.99 -5.28 -12.18
CA GLY C 58 29.30 -5.26 -10.77
C GLY C 58 30.70 -5.78 -10.58
N ARG C 59 31.26 -6.32 -11.66
CA ARG C 59 32.63 -6.89 -11.74
C ARG C 59 32.83 -8.17 -10.95
N TYR C 60 31.82 -9.03 -10.90
CA TYR C 60 31.98 -10.38 -10.33
C TYR C 60 32.21 -11.44 -11.40
N ASP C 61 32.67 -12.61 -10.97
CA ASP C 61 32.89 -13.72 -11.89
C ASP C 61 31.55 -14.33 -12.25
N TYR C 62 31.06 -14.08 -13.45
CA TYR C 62 29.76 -14.60 -13.86
C TYR C 62 29.74 -16.13 -14.00
N ASP C 63 30.84 -16.68 -14.51
CA ASP C 63 31.04 -18.12 -14.60
C ASP C 63 30.92 -18.86 -13.28
N LEU C 64 31.59 -18.36 -12.25
CA LEU C 64 31.46 -18.95 -10.93
C LEU C 64 30.03 -18.82 -10.46
N PHE C 65 29.42 -17.67 -10.80
CA PHE C 65 28.06 -17.42 -10.37
C PHE C 65 27.12 -18.47 -10.95
N LYS C 66 27.20 -18.73 -12.26
CA LYS C 66 26.36 -19.74 -12.88
C LYS C 66 26.55 -21.16 -12.28
N LYS C 67 27.80 -21.53 -12.04
CA LYS C 67 28.10 -22.83 -11.44
C LYS C 67 27.39 -22.99 -10.09
N VAL C 68 27.51 -21.98 -9.24
CA VAL C 68 26.83 -22.03 -7.94
C VAL C 68 25.33 -22.16 -8.11
N VAL C 69 24.79 -21.36 -9.02
CA VAL C 69 23.34 -21.34 -9.25
C VAL C 69 22.88 -22.72 -9.75
N ASN C 70 23.59 -23.24 -10.76
CA ASN C 70 23.28 -24.54 -11.35
C ASN C 70 23.43 -25.68 -10.37
N ARG C 71 24.43 -25.57 -9.51
CA ARG C 71 24.68 -26.65 -8.56
C ARG C 71 23.52 -26.71 -7.57
N ASN C 72 22.90 -25.57 -7.30
CA ASN C 72 21.80 -25.54 -6.35
C ASN C 72 20.48 -25.92 -6.96
N LEU C 73 20.39 -25.83 -8.28
CA LEU C 73 19.21 -26.32 -8.97
C LEU C 73 19.20 -27.85 -9.04
N VAL C 74 20.29 -28.43 -9.51
CA VAL C 74 20.25 -29.86 -9.75
C VAL C 74 20.52 -30.67 -8.51
N ARG C 75 20.68 -30.02 -7.38
CA ARG C 75 20.92 -30.83 -6.18
C ARG C 75 19.61 -31.09 -5.49
N ILE C 76 18.53 -30.60 -6.10
CA ILE C 76 17.19 -31.02 -5.70
C ILE C 76 16.90 -32.32 -6.41
N PRO C 77 16.48 -33.34 -5.67
CA PRO C 77 16.31 -34.66 -6.27
C PRO C 77 15.03 -34.78 -7.09
N GLN C 78 15.10 -35.48 -8.21
CA GLN C 78 13.91 -35.90 -8.93
C GLN C 78 12.91 -36.54 -7.98
N GLN C 79 11.64 -36.17 -8.11
CA GLN C 79 10.58 -36.96 -7.53
C GLN C 79 10.12 -37.95 -8.57
N GLN C 80 9.92 -39.19 -8.13
CA GLN C 80 9.51 -40.27 -9.00
C GLN C 80 8.18 -40.87 -8.51
N PRO C 81 7.16 -40.95 -9.40
CA PRO C 81 7.10 -40.63 -10.83
C PRO C 81 7.08 -39.12 -11.09
N ALA C 82 7.41 -38.74 -12.32
CA ALA C 82 7.29 -37.37 -12.78
C ALA C 82 5.99 -36.78 -12.30
N PRO C 83 6.05 -35.69 -11.53
CA PRO C 83 4.79 -35.20 -10.96
C PRO C 83 3.83 -34.74 -12.04
N ALA C 84 2.53 -34.89 -11.77
CA ALA C 84 1.50 -34.55 -12.75
C ALA C 84 1.50 -33.05 -13.06
N GLU C 85 1.26 -32.26 -12.03
CA GLU C 85 1.32 -30.80 -12.13
C GLU C 85 2.41 -30.32 -11.17
N ILE C 86 3.02 -29.19 -11.47
CA ILE C 86 3.98 -28.59 -10.54
C ILE C 86 3.47 -27.34 -9.80
N THR C 87 3.10 -27.53 -8.54
CA THR C 87 2.67 -26.43 -7.67
C THR C 87 3.83 -25.53 -7.18
N PRO C 88 3.66 -24.21 -7.23
CA PRO C 88 4.62 -23.28 -6.62
C PRO C 88 4.78 -23.47 -5.12
N SER C 89 6.02 -23.50 -4.62
CA SER C 89 6.24 -23.64 -3.18
C SER C 89 5.80 -22.39 -2.41
N TYR C 90 5.79 -22.49 -1.09
CA TYR C 90 5.44 -21.37 -0.24
C TYR C 90 6.40 -20.20 -0.44
N ALA C 91 7.70 -20.51 -0.45
CA ALA C 91 8.73 -19.49 -0.58
C ALA C 91 8.62 -18.72 -1.88
N LEU C 92 8.33 -19.47 -2.94
CA LEU C 92 8.17 -18.90 -4.26
C LEU C 92 6.90 -18.06 -4.27
N GLY C 93 5.88 -18.53 -3.56
CA GLY C 93 4.65 -17.78 -3.42
C GLY C 93 4.95 -16.41 -2.81
N LYS C 94 5.83 -16.41 -1.81
CA LYS C 94 6.20 -15.17 -1.12
C LYS C 94 7.00 -14.26 -2.04
N VAL C 95 7.89 -14.88 -2.81
CA VAL C 95 8.67 -14.17 -3.80
C VAL C 95 7.77 -13.47 -4.83
N LEU C 96 6.80 -14.19 -5.39
CA LEU C 96 5.91 -13.57 -6.35
C LEU C 96 5.01 -12.51 -5.71
N GLN C 97 4.53 -12.80 -4.51
CA GLN C 97 3.69 -11.85 -3.79
C GLN C 97 4.49 -10.56 -3.53
N ASP C 98 5.75 -10.70 -3.09
CA ASP C 98 6.66 -9.57 -2.89
C ASP C 98 6.96 -8.79 -4.16
N ALA C 99 7.06 -9.50 -5.29
CA ALA C 99 7.35 -8.85 -6.57
C ALA C 99 6.27 -7.82 -6.94
N ALA C 100 5.03 -8.18 -6.71
CA ALA C 100 3.93 -7.29 -7.02
C ALA C 100 3.94 -6.08 -6.07
N LYS C 101 4.33 -6.27 -4.82
CA LYS C 101 4.46 -5.09 -3.95
C LYS C 101 5.58 -4.21 -4.45
N ILE C 102 6.67 -4.83 -4.88
CA ILE C 102 7.82 -4.04 -5.32
C ILE C 102 7.48 -3.28 -6.60
N GLN C 103 6.71 -3.91 -7.47
CA GLN C 103 6.26 -3.24 -8.69
C GLN C 103 5.52 -1.94 -8.35
N LYS C 104 4.62 -2.02 -7.38
CA LYS C 104 3.81 -0.87 -7.02
C LYS C 104 4.61 0.20 -6.29
N GLN C 105 5.53 -0.19 -5.41
CA GLN C 105 6.42 0.77 -4.75
C GLN C 105 7.30 1.50 -5.76
N GLN C 106 7.61 0.82 -6.86
CA GLN C 106 8.40 1.41 -7.94
C GLN C 106 7.53 2.22 -8.91
N LYS C 107 6.22 2.26 -8.65
CA LYS C 107 5.26 3.01 -9.46
C LYS C 107 5.26 2.56 -10.92
N ASP C 108 5.43 1.25 -11.12
CA ASP C 108 5.39 0.65 -12.45
C ASP C 108 4.05 -0.01 -12.72
N SER C 109 3.71 -0.18 -14.00
CA SER C 109 2.39 -0.66 -14.42
C SER C 109 2.34 -2.18 -14.60
N PHE C 110 3.50 -2.78 -14.83
CA PHE C 110 3.59 -4.22 -14.95
C PHE C 110 4.66 -4.80 -14.04
N ILE C 111 4.46 -6.04 -13.61
CA ILE C 111 5.51 -6.73 -12.89
C ILE C 111 6.60 -7.21 -13.86
N ALA C 112 7.79 -6.59 -13.76
CA ALA C 112 8.89 -6.81 -14.69
C ALA C 112 9.91 -7.78 -14.12
N GLN C 113 10.90 -8.15 -14.92
CA GLN C 113 11.95 -9.01 -14.40
C GLN C 113 12.72 -8.32 -13.28
N ASP C 114 12.78 -7.00 -13.31
CA ASP C 114 13.47 -6.28 -12.23
C ASP C 114 12.80 -6.59 -10.91
N HIS C 115 11.47 -6.51 -10.92
CA HIS C 115 10.69 -6.65 -9.71
C HIS C 115 10.87 -8.04 -9.13
N ILE C 116 10.88 -9.06 -10.01
CA ILE C 116 11.10 -10.44 -9.59
C ILE C 116 12.50 -10.64 -9.00
N LEU C 117 13.50 -10.05 -9.65
CA LEU C 117 14.87 -10.10 -9.14
C LEU C 117 14.98 -9.44 -7.79
N PHE C 118 14.36 -8.28 -7.67
CA PHE C 118 14.36 -7.58 -6.39
C PHE C 118 13.76 -8.43 -5.29
N ALA C 119 12.70 -9.18 -5.63
CA ALA C 119 11.99 -9.99 -4.64
C ALA C 119 12.78 -11.22 -4.23
N LEU C 120 13.47 -11.82 -5.22
CA LEU C 120 14.34 -12.96 -4.96
C LEU C 120 15.37 -12.62 -3.89
N PHE C 121 15.78 -11.35 -3.79
CA PHE C 121 16.77 -10.95 -2.80
C PHE C 121 16.29 -11.12 -1.34
N ASN C 122 14.97 -11.12 -1.12
CA ASN C 122 14.44 -11.33 0.22
C ASN C 122 14.39 -12.78 0.66
N ASP C 123 14.57 -13.70 -0.29
CA ASP C 123 14.45 -15.11 0.01
C ASP C 123 15.76 -15.66 0.52
N SER C 124 15.69 -16.50 1.55
CA SER C 124 16.88 -16.99 2.22
C SER C 124 17.72 -17.92 1.35
N SER C 125 17.05 -18.79 0.60
CA SER C 125 17.78 -19.72 -0.24
C SER C 125 18.53 -18.89 -1.28
N ILE C 126 17.88 -17.86 -1.81
CA ILE C 126 18.57 -17.00 -2.78
C ILE C 126 19.77 -16.30 -2.14
N GLN C 127 19.58 -15.79 -0.93
CA GLN C 127 20.68 -15.09 -0.28
C GLN C 127 21.86 -16.03 -0.04
N GLN C 128 21.59 -17.26 0.39
CA GLN C 128 22.65 -18.24 0.62
C GLN C 128 23.41 -18.56 -0.68
N ILE C 129 22.68 -18.64 -1.79
CA ILE C 129 23.26 -18.85 -3.10
C ILE C 129 24.20 -17.71 -3.48
N PHE C 130 23.76 -16.48 -3.33
CA PHE C 130 24.62 -15.34 -3.64
C PHE C 130 25.85 -15.35 -2.73
N LYS C 131 25.69 -15.80 -1.50
CA LYS C 131 26.81 -15.80 -0.59
C LYS C 131 27.86 -16.85 -1.01
N GLU C 132 27.40 -18.02 -1.48
CA GLU C 132 28.32 -19.03 -1.98
C GLU C 132 29.07 -18.54 -3.19
N ALA C 133 28.41 -17.72 -4.01
CA ALA C 133 29.03 -17.23 -5.23
C ALA C 133 29.87 -16.00 -4.95
N GLN C 134 29.89 -15.60 -3.70
CA GLN C 134 30.63 -14.42 -3.26
C GLN C 134 30.23 -13.21 -4.07
N VAL C 135 28.93 -13.03 -4.25
CA VAL C 135 28.40 -11.85 -4.89
C VAL C 135 27.54 -11.09 -3.90
N ASP C 136 27.84 -9.81 -3.70
CA ASP C 136 27.13 -8.98 -2.72
C ASP C 136 25.78 -8.58 -3.29
N ILE C 137 24.70 -8.98 -2.64
CA ILE C 137 23.37 -8.68 -3.14
C ILE C 137 23.17 -7.18 -3.29
N GLU C 138 23.72 -6.38 -2.39
CA GLU C 138 23.56 -4.92 -2.47
C GLU C 138 24.20 -4.32 -3.70
N ALA C 139 25.35 -4.86 -4.11
CA ALA C 139 25.99 -4.34 -5.32
C ALA C 139 25.13 -4.63 -6.56
N ILE C 140 24.56 -5.83 -6.62
CA ILE C 140 23.70 -6.18 -7.75
C ILE C 140 22.40 -5.40 -7.70
N LYS C 141 21.86 -5.21 -6.50
CA LYS C 141 20.68 -4.39 -6.33
C LYS C 141 20.94 -3.01 -6.91
N GLN C 142 22.09 -2.42 -6.56
CA GLN C 142 22.39 -1.08 -7.05
C GLN C 142 22.63 -1.06 -8.55
N GLN C 143 23.28 -2.09 -9.08
CA GLN C 143 23.43 -2.18 -10.53
C GLN C 143 22.07 -2.19 -11.23
N ALA C 144 21.14 -2.99 -10.70
CA ALA C 144 19.79 -3.07 -11.22
C ALA C 144 19.08 -1.72 -11.22
N LEU C 145 19.24 -0.95 -10.14
CA LEU C 145 18.66 0.40 -10.10
C LEU C 145 19.27 1.30 -11.15
N GLU C 146 20.58 1.24 -11.27
CA GLU C 146 21.28 2.05 -12.24
C GLU C 146 20.97 1.60 -13.67
N LEU C 147 20.77 0.31 -13.87
CA LEU C 147 20.42 -0.17 -15.21
C LEU C 147 19.14 0.50 -15.68
N ARG C 148 18.11 0.52 -14.85
CA ARG C 148 16.86 1.06 -15.36
C ARG C 148 16.70 2.58 -15.25
N GLY C 149 17.47 3.23 -14.37
CA GLY C 149 17.34 4.66 -14.18
C GLY C 149 15.92 5.03 -13.82
N ASN C 150 15.41 6.10 -14.42
CA ASN C 150 14.06 6.56 -14.14
C ASN C 150 13.07 6.07 -15.21
N THR C 151 13.39 4.98 -15.87
CA THR C 151 12.52 4.42 -16.89
C THR C 151 11.26 3.85 -16.27
N ARG C 152 10.10 4.29 -16.74
CA ARG C 152 8.89 3.66 -16.25
C ARG C 152 8.57 2.39 -17.03
N ILE C 153 8.18 1.37 -16.30
CA ILE C 153 7.74 0.12 -16.90
C ILE C 153 6.23 0.19 -17.00
N ASP C 154 5.76 0.72 -18.12
CA ASP C 154 4.35 0.95 -18.31
C ASP C 154 3.80 0.22 -19.53
N SER C 155 4.68 -0.54 -20.22
CA SER C 155 4.22 -1.51 -21.22
C SER C 155 4.92 -2.84 -20.97
N ARG C 156 4.39 -3.90 -21.55
CA ARG C 156 4.88 -5.26 -21.30
C ARG C 156 6.18 -5.56 -22.04
N GLY C 157 6.69 -4.57 -22.78
CA GLY C 157 7.95 -4.73 -23.47
C GLY C 157 8.97 -3.76 -22.92
N ALA C 158 8.61 -3.03 -21.89
CA ALA C 158 9.46 -1.91 -21.50
C ALA C 158 10.72 -2.35 -20.77
N ASP C 159 10.69 -3.49 -20.07
CA ASP C 159 11.81 -3.85 -19.19
C ASP C 159 12.97 -4.52 -19.95
N THR C 160 13.58 -3.77 -20.85
CA THR C 160 14.65 -4.30 -21.69
C THR C 160 15.80 -4.82 -20.85
N ASN C 161 16.56 -5.79 -21.37
CA ASN C 161 17.71 -6.32 -20.63
C ASN C 161 18.80 -5.30 -20.55
N THR C 162 18.99 -4.57 -21.63
CA THR C 162 19.99 -3.52 -21.68
C THR C 162 19.30 -2.31 -22.30
N PRO C 163 19.96 -1.15 -22.31
CA PRO C 163 19.25 0.00 -22.88
C PRO C 163 19.04 -0.04 -24.40
N LEU C 164 17.88 0.45 -24.82
CA LEU C 164 17.49 0.52 -26.24
C LEU C 164 18.39 1.43 -27.10
N GLU C 165 18.48 1.10 -28.38
CA GLU C 165 19.29 1.86 -29.33
C GLU C 165 18.55 2.14 -30.64
N TYR C 166 18.87 3.26 -31.29
CA TYR C 166 18.24 3.62 -32.58
C TYR C 166 19.22 4.05 -33.69
#